data_1EBR
#
_entry.id   1EBR
#
_cell.length_a   1.000
_cell.length_b   1.000
_cell.length_c   1.000
_cell.angle_alpha   90.00
_cell.angle_beta   90.00
_cell.angle_gamma   90.00
#
_symmetry.space_group_name_H-M   'P 1'
#
_entity_poly.entity_id   1
_entity_poly.type   'polyribonucleotide'
_entity_poly.pdbx_seq_one_letter_code
;GGUGGGCGCAGCUUCGGCUGACGGUACACC
;
_entity_poly.pdbx_strand_id   A
#
loop_
_chem_comp.id
_chem_comp.type
_chem_comp.name
_chem_comp.formula
A RNA linking ADENOSINE-5'-MONOPHOSPHATE 'C10 H14 N5 O7 P'
C RNA linking CYTIDINE-5'-MONOPHOSPHATE 'C9 H14 N3 O8 P'
G RNA linking GUANOSINE-5'-MONOPHOSPHATE 'C10 H14 N5 O8 P'
U RNA linking URIDINE-5'-MONOPHOSPHATE 'C9 H13 N2 O9 P'
#